data_1HKM
#
_entry.id   1HKM
#
_cell.length_a   93.827
_cell.length_b   93.827
_cell.length_c   86.903
_cell.angle_alpha   90.00
_cell.angle_beta   90.00
_cell.angle_gamma   90.00
#
_symmetry.space_group_name_H-M   'P 43 21 2'
#
loop_
_entity.id
_entity.type
_entity.pdbx_description
1 polymer CHITOTRIOSIDASE
2 branched 2-acetamido-2-deoxy-beta-D-allopyranose-(1-4)-2-acetamido-2-deoxy-beta-D-allopyranose
3 non-polymer 'METHYL N-ACETYL ALLOSAMINE'
4 water water
#
_entity_poly.entity_id   1
_entity_poly.type   'polypeptide(L)'
_entity_poly.pdbx_seq_one_letter_code
;AKLVCYFTNWAQYRQGEARFLPKDLDPSLCTHLIYAFAGMTNHQLSTTEWNDETLYQEFNGLKKMNPKLKTLLAIGGWNF
GTQKFTDMVATANNRQTFVNSAIRFLRKYSFDGLDLDWEYPGSQGSPAVDKERFTTLVQDLANAFQQEAQTSGKERLLLS
AAVPAGQTYVDAGYEVDKIAQNLDFVNLMAYDFHGSWEKVTGHNSPLYKRQEQSGAAASLNVDAAVQQWLQKGTPASKLI
LGMPTYGRSFTLASSSDTRVGAPATGSGTPGPFTKEGGMLAYYEVCSWKGATKQRIQDQKVPYIFRDNQWVGFDDVESFK
TKVSYLKQKGLGGAMVWALDLDDFAGFSCNQGRYPLIQTLRQELS
;
_entity_poly.pdbx_strand_id   A
#
loop_
_chem_comp.id
_chem_comp.type
_chem_comp.name
_chem_comp.formula
ALI non-polymer 'METHYL N-ACETYL ALLOSAMINE' 'C8 H12 N2 O4'
NAA D-saccharide, beta linking 2-acetamido-2-deoxy-beta-D-allopyranose 'C8 H15 N O6'
#
# COMPACT_ATOMS: atom_id res chain seq x y z
N ALA A 1 -2.06 -7.52 16.97
CA ALA A 1 -1.72 -7.45 15.52
C ALA A 1 -2.02 -6.07 14.97
N LYS A 2 -1.24 -5.66 13.98
CA LYS A 2 -1.44 -4.37 13.33
C LYS A 2 -2.38 -4.44 12.14
N LEU A 3 -3.09 -3.34 11.92
CA LEU A 3 -3.97 -3.20 10.77
C LEU A 3 -3.66 -1.78 10.35
N VAL A 4 -2.72 -1.68 9.42
CA VAL A 4 -2.21 -0.40 8.86
C VAL A 4 -3.03 -0.05 7.62
N CYS A 5 -3.80 1.03 7.69
CA CYS A 5 -4.62 1.43 6.56
C CYS A 5 -4.21 2.76 5.97
N TYR A 6 -4.18 2.84 4.64
CA TYR A 6 -3.80 4.07 3.96
C TYR A 6 -4.94 4.97 3.50
N PHE A 7 -4.83 6.25 3.85
CA PHE A 7 -5.78 7.27 3.46
C PHE A 7 -5.06 7.97 2.31
N THR A 8 -5.81 8.45 1.30
CA THR A 8 -5.15 9.16 0.22
C THR A 8 -5.82 10.52 0.04
N ASN A 9 -5.01 11.57 0.02
CA ASN A 9 -5.52 12.93 -0.08
C ASN A 9 -5.99 13.44 -1.43
N TRP A 10 -6.29 12.52 -2.34
CA TRP A 10 -6.79 12.89 -3.67
C TRP A 10 -8.12 12.20 -3.91
N ALA A 11 -8.53 11.38 -2.95
CA ALA A 11 -9.81 10.69 -3.07
C ALA A 11 -10.91 11.71 -2.89
N GLN A 12 -10.53 12.83 -2.26
CA GLN A 12 -11.44 13.92 -1.98
C GLN A 12 -12.01 14.54 -3.25
N TYR A 13 -11.35 14.31 -4.37
CA TYR A 13 -11.79 14.88 -5.65
C TYR A 13 -12.70 13.99 -6.49
N ARG A 14 -12.94 12.76 -6.04
CA ARG A 14 -13.81 11.85 -6.78
C ARG A 14 -15.24 12.39 -6.77
N GLN A 15 -16.05 11.96 -7.72
CA GLN A 15 -17.41 12.45 -7.84
C GLN A 15 -18.43 11.67 -7.00
N GLY A 16 -19.45 12.37 -6.53
CA GLY A 16 -20.49 11.74 -5.75
C GLY A 16 -20.11 10.94 -4.52
N GLU A 17 -20.76 9.81 -4.37
CA GLU A 17 -20.55 8.91 -3.25
C GLU A 17 -19.15 8.38 -3.18
N ALA A 18 -18.36 8.63 -4.23
CA ALA A 18 -16.99 8.17 -4.29
C ALA A 18 -16.06 9.14 -3.58
N ARG A 19 -16.52 10.36 -3.37
CA ARG A 19 -15.69 11.36 -2.69
C ARG A 19 -15.33 10.92 -1.28
N PHE A 20 -14.06 11.05 -0.92
CA PHE A 20 -13.60 10.64 0.41
C PHE A 20 -12.78 11.71 1.14
N LEU A 21 -13.21 12.04 2.35
CA LEU A 21 -12.54 13.02 3.21
C LEU A 21 -12.35 12.39 4.60
N PRO A 22 -11.58 13.04 5.49
CA PRO A 22 -11.38 12.43 6.82
C PRO A 22 -12.65 12.04 7.59
N LYS A 23 -13.76 12.75 7.34
CA LYS A 23 -15.01 12.46 8.01
C LYS A 23 -15.55 11.07 7.64
N ASP A 24 -15.04 10.49 6.56
CA ASP A 24 -15.49 9.18 6.14
C ASP A 24 -14.65 8.10 6.79
N LEU A 25 -13.69 8.56 7.60
CA LEU A 25 -12.80 7.68 8.32
C LEU A 25 -13.46 7.18 9.60
N ASP A 26 -13.11 5.95 9.96
CA ASP A 26 -13.61 5.32 11.18
C ASP A 26 -12.38 5.27 12.08
N PRO A 27 -12.38 6.04 13.18
CA PRO A 27 -11.24 6.08 14.11
C PRO A 27 -10.80 4.71 14.68
N SER A 28 -11.73 3.74 14.74
CA SER A 28 -11.44 2.42 15.31
C SER A 28 -11.16 1.24 14.36
N LEU A 29 -11.37 1.43 13.07
CA LEU A 29 -11.18 0.35 12.12
C LEU A 29 -9.76 -0.21 12.07
N CYS A 30 -8.77 0.68 12.12
CA CYS A 30 -7.39 0.26 12.03
C CYS A 30 -6.58 0.69 13.26
N THR A 31 -5.43 0.05 13.43
CA THR A 31 -4.50 0.33 14.52
C THR A 31 -3.60 1.50 14.14
N HIS A 32 -3.26 1.59 12.85
CA HIS A 32 -2.39 2.64 12.32
C HIS A 32 -2.97 3.23 11.03
N LEU A 33 -3.03 4.55 10.94
CA LEU A 33 -3.52 5.21 9.73
C LEU A 33 -2.36 5.97 9.09
N ILE A 34 -2.16 5.76 7.79
CA ILE A 34 -1.07 6.42 7.09
C ILE A 34 -1.62 7.34 6.00
N TYR A 35 -1.20 8.60 6.06
CA TYR A 35 -1.64 9.64 5.14
C TYR A 35 -0.78 9.74 3.87
N ALA A 36 -1.38 9.37 2.74
CA ALA A 36 -0.72 9.42 1.45
C ALA A 36 -1.33 10.59 0.65
N PHE A 37 -0.50 11.48 0.11
CA PHE A 37 0.96 11.44 0.21
C PHE A 37 1.43 12.85 0.50
N ALA A 38 2.67 12.96 0.97
CA ALA A 38 3.28 14.24 1.24
C ALA A 38 4.48 14.25 0.29
N GLY A 39 4.80 15.42 -0.26
CA GLY A 39 5.91 15.51 -1.18
C GLY A 39 7.19 16.07 -0.57
N MET A 40 8.00 16.69 -1.42
CA MET A 40 9.26 17.27 -1.00
C MET A 40 9.59 18.54 -1.79
N THR A 41 10.01 19.57 -1.05
CA THR A 41 10.38 20.86 -1.62
C THR A 41 11.66 21.32 -0.94
N ASN A 42 12.72 21.46 -1.71
CA ASN A 42 14.00 21.88 -1.17
C ASN A 42 14.42 20.92 -0.06
N HIS A 43 14.48 19.63 -0.39
CA HIS A 43 14.89 18.62 0.58
C HIS A 43 14.06 18.58 1.87
N GLN A 44 12.85 19.11 1.82
CA GLN A 44 12.02 19.09 3.03
C GLN A 44 10.66 18.48 2.79
N LEU A 45 10.05 18.02 3.88
CA LEU A 45 8.72 17.42 3.81
C LEU A 45 7.73 18.56 3.58
N SER A 46 6.80 18.37 2.65
CA SER A 46 5.80 19.40 2.36
C SER A 46 4.45 18.83 1.94
N THR A 47 3.42 19.68 1.94
CA THR A 47 2.09 19.25 1.56
C THR A 47 1.98 19.04 0.04
N THR A 48 0.82 18.58 -0.43
CA THR A 48 0.61 18.34 -1.86
C THR A 48 -0.80 18.72 -2.29
N GLU A 49 -1.64 19.11 -1.34
CA GLU A 49 -3.00 19.54 -1.65
C GLU A 49 -3.25 20.86 -0.92
N TRP A 50 -4.11 21.70 -1.50
CA TRP A 50 -4.41 23.00 -0.92
C TRP A 50 -4.92 22.94 0.51
N ASN A 51 -5.40 21.77 0.93
CA ASN A 51 -5.95 21.66 2.26
C ASN A 51 -5.33 20.60 3.14
N ASP A 52 -4.06 20.28 2.92
CA ASP A 52 -3.43 19.26 3.74
C ASP A 52 -3.39 19.61 5.24
N GLU A 53 -3.17 20.87 5.58
CA GLU A 53 -3.14 21.25 6.99
C GLU A 53 -4.49 21.01 7.64
N THR A 54 -5.58 21.26 6.93
CA THR A 54 -6.90 21.05 7.51
C THR A 54 -7.14 19.55 7.66
N LEU A 55 -6.74 18.81 6.64
CA LEU A 55 -6.90 17.37 6.64
C LEU A 55 -6.02 16.77 7.71
N TYR A 56 -4.77 17.20 7.77
CA TYR A 56 -3.84 16.70 8.78
C TYR A 56 -4.50 16.76 10.16
N GLN A 57 -5.10 17.90 10.46
CA GLN A 57 -5.73 18.14 11.74
C GLN A 57 -6.93 17.24 12.00
N GLU A 58 -7.79 17.05 11.01
CA GLU A 58 -8.95 16.19 11.16
C GLU A 58 -8.47 14.75 11.27
N PHE A 59 -7.48 14.41 10.45
CA PHE A 59 -6.89 13.08 10.41
C PHE A 59 -6.36 12.71 11.80
N ASN A 60 -5.48 13.55 12.35
CA ASN A 60 -4.91 13.28 13.65
C ASN A 60 -5.85 13.59 14.81
N GLY A 61 -6.85 14.44 14.55
CA GLY A 61 -7.81 14.76 15.58
C GLY A 61 -8.60 13.52 15.94
N LEU A 62 -8.58 12.53 15.04
CA LEU A 62 -9.28 11.28 15.25
C LEU A 62 -8.78 10.57 16.50
N LYS A 63 -7.57 10.88 16.94
CA LYS A 63 -6.99 10.27 18.13
C LYS A 63 -7.63 10.74 19.43
N LYS A 64 -8.48 11.76 19.32
CA LYS A 64 -9.17 12.27 20.49
C LYS A 64 -10.32 11.29 20.73
N MET A 65 -10.76 10.62 19.68
CA MET A 65 -11.84 9.67 19.81
C MET A 65 -11.24 8.27 20.00
N ASN A 66 -9.98 8.13 19.67
CA ASN A 66 -9.30 6.86 19.83
C ASN A 66 -7.81 7.07 20.04
N PRO A 67 -7.42 7.31 21.30
CA PRO A 67 -6.04 7.56 21.75
C PRO A 67 -5.11 6.38 21.51
N LYS A 68 -5.64 5.24 21.06
CA LYS A 68 -4.78 4.09 20.81
C LYS A 68 -4.28 4.09 19.38
N LEU A 69 -4.98 4.84 18.54
CA LEU A 69 -4.65 4.96 17.14
C LEU A 69 -3.29 5.68 16.90
N LYS A 70 -2.51 5.18 15.94
CA LYS A 70 -1.21 5.77 15.59
C LYS A 70 -1.30 6.24 14.13
N THR A 71 -0.96 7.50 13.89
CA THR A 71 -1.00 8.04 12.53
C THR A 71 0.42 8.27 12.02
N LEU A 72 0.61 8.12 10.72
CA LEU A 72 1.90 8.34 10.09
C LEU A 72 1.69 9.08 8.76
N LEU A 73 2.74 9.76 8.29
CA LEU A 73 2.69 10.50 7.05
C LEU A 73 3.59 9.78 6.06
N ALA A 74 3.06 9.44 4.90
CA ALA A 74 3.84 8.75 3.88
C ALA A 74 4.41 9.72 2.86
N ILE A 75 5.71 9.62 2.61
CA ILE A 75 6.35 10.49 1.61
C ILE A 75 6.71 9.66 0.40
N GLY A 76 6.42 10.20 -0.78
CA GLY A 76 6.74 9.48 -2.01
C GLY A 76 5.57 8.98 -2.83
N GLY A 77 5.64 7.70 -3.17
CA GLY A 77 4.60 7.08 -3.96
C GLY A 77 5.10 6.74 -5.34
N TRP A 78 4.35 5.93 -6.06
CA TRP A 78 4.75 5.56 -7.40
C TRP A 78 5.02 6.78 -8.28
N ASN A 79 4.00 7.62 -8.47
CA ASN A 79 4.14 8.81 -9.30
C ASN A 79 5.08 9.89 -8.79
N PHE A 80 5.68 9.68 -7.62
CA PHE A 80 6.58 10.68 -7.08
C PHE A 80 7.89 10.73 -7.87
N GLY A 81 8.43 9.54 -8.14
CA GLY A 81 9.67 9.43 -8.87
C GLY A 81 10.81 9.14 -7.92
N THR A 82 12.03 9.16 -8.45
CA THR A 82 13.22 8.88 -7.66
C THR A 82 14.14 10.10 -7.51
N GLN A 83 14.09 10.99 -8.50
CA GLN A 83 14.93 12.19 -8.51
C GLN A 83 15.15 12.85 -7.15
N LYS A 84 14.11 13.47 -6.59
CA LYS A 84 14.18 14.16 -5.31
C LYS A 84 14.67 13.35 -4.13
N PHE A 85 14.49 12.03 -4.19
CA PHE A 85 14.96 11.17 -3.10
C PHE A 85 16.47 11.02 -3.20
N THR A 86 16.93 10.62 -4.38
CA THR A 86 18.35 10.42 -4.68
C THR A 86 19.18 11.67 -4.41
N ASP A 87 18.58 12.83 -4.69
CA ASP A 87 19.23 14.11 -4.48
C ASP A 87 19.23 14.54 -3.01
N MET A 88 18.17 14.17 -2.28
CA MET A 88 18.07 14.52 -0.86
C MET A 88 19.01 13.68 0.01
N VAL A 89 19.24 12.44 -0.38
CA VAL A 89 20.11 11.56 0.40
C VAL A 89 21.55 11.59 -0.06
N ALA A 90 21.82 12.44 -1.06
CA ALA A 90 23.16 12.58 -1.61
C ALA A 90 24.16 13.24 -0.66
N THR A 91 23.71 14.28 0.04
CA THR A 91 24.59 14.98 0.98
C THR A 91 24.04 15.03 2.40
N ALA A 92 24.96 14.92 3.36
CA ALA A 92 24.61 14.95 4.77
C ALA A 92 23.73 16.15 5.04
N ASN A 93 24.19 17.32 4.59
CA ASN A 93 23.45 18.56 4.76
C ASN A 93 22.01 18.44 4.30
N ASN A 94 21.78 17.69 3.24
CA ASN A 94 20.44 17.49 2.71
C ASN A 94 19.64 16.50 3.56
N ARG A 95 20.24 15.36 3.86
CA ARG A 95 19.59 14.36 4.70
C ARG A 95 19.17 15.02 6.02
N GLN A 96 20.11 15.73 6.64
CA GLN A 96 19.84 16.41 7.90
C GLN A 96 18.78 17.49 7.78
N THR A 97 18.71 18.13 6.62
CA THR A 97 17.71 19.18 6.38
C THR A 97 16.33 18.53 6.31
N PHE A 98 16.28 17.37 5.66
CA PHE A 98 15.04 16.62 5.51
C PHE A 98 14.56 16.09 6.86
N VAL A 99 15.45 15.37 7.55
CA VAL A 99 15.16 14.79 8.86
C VAL A 99 14.58 15.84 9.82
N ASN A 100 15.29 16.94 9.99
CA ASN A 100 14.84 18.01 10.88
C ASN A 100 13.48 18.56 10.46
N SER A 101 13.21 18.60 9.16
CA SER A 101 11.91 19.10 8.70
C SER A 101 10.85 18.02 8.96
N ALA A 102 11.21 16.76 8.74
CA ALA A 102 10.29 15.67 8.98
C ALA A 102 9.79 15.77 10.44
N ILE A 103 10.75 15.72 11.37
CA ILE A 103 10.44 15.83 12.78
C ILE A 103 9.54 17.04 13.04
N ARG A 104 10.03 18.24 12.76
CA ARG A 104 9.24 19.44 12.99
C ARG A 104 7.88 19.44 12.31
N PHE A 105 7.80 18.82 11.14
CA PHE A 105 6.56 18.72 10.36
C PHE A 105 5.59 17.74 11.05
N LEU A 106 6.08 16.55 11.36
CA LEU A 106 5.27 15.53 12.01
C LEU A 106 4.72 16.02 13.36
N ARG A 107 5.59 16.63 14.16
CA ARG A 107 5.17 17.13 15.46
C ARG A 107 4.17 18.26 15.32
N LYS A 108 4.45 19.21 14.45
CA LYS A 108 3.54 20.33 14.26
C LYS A 108 2.13 19.88 13.96
N TYR A 109 1.99 18.89 13.09
CA TYR A 109 0.67 18.41 12.70
C TYR A 109 0.13 17.21 13.47
N SER A 110 0.89 16.74 14.45
CA SER A 110 0.47 15.62 15.31
C SER A 110 0.53 14.24 14.68
N PHE A 111 1.52 14.01 13.84
CA PHE A 111 1.69 12.71 13.21
C PHE A 111 2.58 11.92 14.14
N ASP A 112 2.32 10.62 14.25
CA ASP A 112 3.10 9.79 15.14
C ASP A 112 4.32 9.19 14.48
N GLY A 113 4.37 9.28 13.15
CA GLY A 113 5.48 8.71 12.44
C GLY A 113 5.53 9.02 10.96
N LEU A 114 6.55 8.45 10.32
CA LEU A 114 6.76 8.66 8.91
C LEU A 114 6.88 7.35 8.16
N ASP A 115 6.16 7.26 7.06
CA ASP A 115 6.21 6.07 6.23
C ASP A 115 6.91 6.40 4.91
N LEU A 116 8.11 5.87 4.74
CA LEU A 116 8.90 6.08 3.54
C LEU A 116 8.37 5.25 2.38
N ASP A 117 8.10 5.92 1.26
CA ASP A 117 7.61 5.26 0.07
C ASP A 117 8.37 5.78 -1.16
N TRP A 118 9.63 5.33 -1.26
CA TRP A 118 10.52 5.68 -2.36
C TRP A 118 10.40 4.54 -3.34
N GLU A 119 9.86 4.83 -4.53
CA GLU A 119 9.67 3.79 -5.52
C GLU A 119 10.48 3.92 -6.80
N TYR A 120 11.68 3.35 -6.80
CA TYR A 120 12.26 2.67 -5.66
C TYR A 120 13.74 2.97 -5.67
N PRO A 121 14.40 2.92 -4.51
CA PRO A 121 15.84 3.20 -4.51
C PRO A 121 16.55 2.04 -5.22
N GLY A 122 17.32 2.34 -6.26
CA GLY A 122 18.02 1.30 -6.98
C GLY A 122 17.46 0.96 -8.34
N SER A 123 16.50 1.76 -8.81
CA SER A 123 15.91 1.53 -10.11
C SER A 123 14.98 2.67 -10.46
N GLN A 124 14.39 2.61 -11.66
CA GLN A 124 13.50 3.65 -12.14
C GLN A 124 14.27 4.98 -12.19
N GLY A 125 15.56 4.88 -12.51
CA GLY A 125 16.38 6.08 -12.60
C GLY A 125 17.24 6.27 -11.36
N SER A 126 17.20 5.29 -10.46
CA SER A 126 17.98 5.39 -9.26
C SER A 126 19.24 4.53 -9.40
N PRO A 127 20.41 5.15 -9.22
CA PRO A 127 21.71 4.50 -9.31
C PRO A 127 21.84 3.49 -8.19
N ALA A 128 22.39 2.32 -8.50
CA ALA A 128 22.55 1.28 -7.50
C ALA A 128 23.20 1.78 -6.22
N VAL A 129 23.77 2.98 -6.24
CA VAL A 129 24.40 3.52 -5.04
C VAL A 129 23.31 3.83 -4.02
N ASP A 130 22.14 4.23 -4.52
CA ASP A 130 21.01 4.59 -3.68
C ASP A 130 20.53 3.43 -2.80
N LYS A 131 21.08 2.24 -3.03
CA LYS A 131 20.71 1.09 -2.22
C LYS A 131 21.22 1.24 -0.80
N GLU A 132 22.42 1.80 -0.68
CA GLU A 132 23.05 1.97 0.61
C GLU A 132 22.77 3.36 1.17
N ARG A 133 22.45 4.30 0.29
CA ARG A 133 22.14 5.65 0.71
C ARG A 133 20.75 5.62 1.36
N PHE A 134 19.93 4.66 0.94
CA PHE A 134 18.59 4.50 1.49
C PHE A 134 18.75 4.04 2.94
N THR A 135 19.57 3.01 3.11
CA THR A 135 19.84 2.45 4.41
C THR A 135 20.33 3.54 5.38
N THR A 136 21.17 4.44 4.87
CA THR A 136 21.69 5.51 5.69
C THR A 136 20.56 6.45 6.09
N LEU A 137 19.68 6.75 5.12
CA LEU A 137 18.53 7.62 5.34
C LEU A 137 17.70 7.05 6.46
N VAL A 138 17.45 5.75 6.38
CA VAL A 138 16.68 5.06 7.41
C VAL A 138 17.35 5.22 8.77
N GLN A 139 18.63 4.87 8.85
CA GLN A 139 19.34 5.01 10.13
C GLN A 139 19.30 6.44 10.65
N ASP A 140 19.45 7.42 9.75
CA ASP A 140 19.44 8.82 10.18
C ASP A 140 18.13 9.20 10.83
N LEU A 141 17.04 8.80 10.18
CA LEU A 141 15.69 9.07 10.67
C LEU A 141 15.46 8.40 12.01
N ALA A 142 15.80 7.12 12.07
CA ALA A 142 15.65 6.33 13.28
C ALA A 142 16.41 6.98 14.45
N ASN A 143 17.67 7.34 14.20
CA ASN A 143 18.53 7.97 15.20
C ASN A 143 17.98 9.31 15.68
N ALA A 144 17.59 10.15 14.73
CA ALA A 144 17.06 11.46 15.08
C ALA A 144 15.75 11.31 15.83
N PHE A 145 14.95 10.32 15.41
CA PHE A 145 13.67 10.04 16.04
C PHE A 145 13.87 9.62 17.49
N GLN A 146 14.86 8.74 17.71
CA GLN A 146 15.15 8.29 19.05
C GLN A 146 15.64 9.42 19.93
N GLN A 147 16.55 10.23 19.41
CA GLN A 147 17.10 11.34 20.15
C GLN A 147 16.03 12.37 20.51
N GLU A 148 15.23 12.73 19.52
CA GLU A 148 14.18 13.73 19.73
C GLU A 148 13.21 13.34 20.82
N ALA A 149 12.79 12.07 20.81
CA ALA A 149 11.84 11.56 21.79
C ALA A 149 12.31 11.86 23.21
N GLN A 150 13.60 11.62 23.45
CA GLN A 150 14.18 11.85 24.76
C GLN A 150 14.21 13.33 25.12
N THR A 151 14.58 14.19 24.17
CA THR A 151 14.62 15.62 24.46
C THR A 151 13.20 16.21 24.59
N SER A 152 12.32 15.86 23.66
CA SER A 152 10.95 16.38 23.67
C SER A 152 10.07 15.68 24.71
N GLY A 153 10.50 14.52 25.16
CA GLY A 153 9.72 13.77 26.14
C GLY A 153 8.37 13.31 25.61
N LYS A 154 8.31 12.92 24.34
CA LYS A 154 7.06 12.44 23.72
C LYS A 154 7.26 11.02 23.19
N GLU A 155 6.19 10.37 22.77
CA GLU A 155 6.30 9.02 22.21
C GLU A 155 7.21 9.09 20.98
N ARG A 156 8.25 8.28 20.96
CA ARG A 156 9.17 8.30 19.84
C ARG A 156 8.42 8.16 18.51
N LEU A 157 8.82 8.96 17.52
CA LEU A 157 8.20 8.91 16.20
C LEU A 157 8.51 7.53 15.59
N LEU A 158 7.52 6.96 14.91
CA LEU A 158 7.68 5.65 14.28
C LEU A 158 8.18 5.78 12.85
N LEU A 159 8.96 4.78 12.42
CA LEU A 159 9.49 4.76 11.05
C LEU A 159 9.14 3.50 10.30
N SER A 160 8.42 3.66 9.20
CA SER A 160 8.03 2.53 8.35
C SER A 160 8.38 2.84 6.89
N ALA A 161 8.27 1.82 6.06
CA ALA A 161 8.54 1.95 4.63
C ALA A 161 7.65 0.99 3.84
N ALA A 162 7.15 1.48 2.71
CA ALA A 162 6.32 0.67 1.83
C ALA A 162 7.35 0.01 0.92
N VAL A 163 7.33 -1.32 0.83
CA VAL A 163 8.32 -1.99 -0.02
C VAL A 163 7.73 -2.89 -1.07
N PRO A 164 8.45 -3.02 -2.20
CA PRO A 164 8.09 -3.84 -3.37
C PRO A 164 8.20 -5.32 -3.08
N ALA A 165 7.45 -6.11 -3.83
CA ALA A 165 7.45 -7.55 -3.64
C ALA A 165 8.40 -8.24 -4.61
N GLY A 166 8.66 -7.60 -5.75
CA GLY A 166 9.54 -8.19 -6.76
C GLY A 166 10.97 -8.51 -6.33
N GLN A 167 11.45 -9.68 -6.71
CA GLN A 167 12.81 -10.11 -6.39
C GLN A 167 13.83 -9.14 -6.96
N THR A 168 13.56 -8.67 -8.17
CA THR A 168 14.47 -7.76 -8.85
C THR A 168 14.68 -6.44 -8.14
N TYR A 169 13.62 -5.92 -7.54
CA TYR A 169 13.69 -4.63 -6.85
C TYR A 169 14.33 -4.70 -5.47
N VAL A 170 14.04 -5.78 -4.75
CA VAL A 170 14.60 -5.94 -3.42
C VAL A 170 16.12 -6.05 -3.53
N ASP A 171 16.58 -6.88 -4.47
CA ASP A 171 18.01 -7.04 -4.68
C ASP A 171 18.64 -5.73 -5.11
N ALA A 172 17.93 -4.99 -5.95
CA ALA A 172 18.45 -3.73 -6.48
C ALA A 172 18.59 -2.56 -5.51
N GLY A 173 17.71 -2.44 -4.51
CA GLY A 173 17.85 -1.31 -3.63
C GLY A 173 17.62 -1.46 -2.14
N TYR A 174 17.33 -2.67 -1.69
CA TYR A 174 17.08 -2.85 -0.27
C TYR A 174 18.05 -3.74 0.50
N GLU A 175 18.65 -3.17 1.54
CA GLU A 175 19.56 -3.89 2.43
C GLU A 175 18.60 -4.40 3.51
N VAL A 176 17.72 -5.33 3.13
CA VAL A 176 16.70 -5.89 4.01
C VAL A 176 17.12 -6.01 5.48
N ASP A 177 17.98 -6.97 5.77
CA ASP A 177 18.45 -7.21 7.12
C ASP A 177 18.82 -5.92 7.89
N LYS A 178 19.45 -4.98 7.21
CA LYS A 178 19.89 -3.75 7.85
C LYS A 178 18.80 -2.73 8.08
N ILE A 179 17.84 -2.62 7.16
CA ILE A 179 16.79 -1.65 7.35
C ILE A 179 15.75 -2.17 8.35
N ALA A 180 15.54 -3.48 8.34
CA ALA A 180 14.58 -4.12 9.26
C ALA A 180 14.92 -3.80 10.72
N GLN A 181 16.20 -3.61 11.01
CA GLN A 181 16.62 -3.31 12.36
C GLN A 181 16.22 -1.91 12.76
N ASN A 182 15.99 -1.05 11.76
CA ASN A 182 15.64 0.34 12.04
C ASN A 182 14.20 0.74 11.73
N LEU A 183 13.49 -0.13 11.02
CA LEU A 183 12.11 0.12 10.68
C LEU A 183 11.22 -0.54 11.73
N ASP A 184 10.33 0.25 12.33
CA ASP A 184 9.42 -0.27 13.33
C ASP A 184 8.55 -1.35 12.70
N PHE A 185 8.19 -1.12 11.43
CA PHE A 185 7.44 -2.11 10.67
C PHE A 185 7.57 -1.85 9.18
N VAL A 186 7.47 -2.93 8.43
CA VAL A 186 7.61 -2.92 6.99
C VAL A 186 6.27 -3.17 6.33
N ASN A 187 5.84 -2.23 5.49
CA ASN A 187 4.58 -2.37 4.78
C ASN A 187 4.84 -3.00 3.42
N LEU A 188 4.62 -4.32 3.33
CA LEU A 188 4.84 -5.06 2.09
C LEU A 188 3.72 -4.90 1.07
N MET A 189 4.07 -4.37 -0.11
CA MET A 189 3.09 -4.17 -1.16
C MET A 189 2.87 -5.45 -1.98
N ALA A 190 2.14 -6.38 -1.39
CA ALA A 190 1.87 -7.64 -2.05
C ALA A 190 0.69 -7.55 -3.00
N TYR A 191 0.89 -6.82 -4.08
CA TYR A 191 -0.13 -6.68 -5.12
C TYR A 191 0.53 -6.13 -6.38
N ASP A 192 -0.24 -5.89 -7.43
CA ASP A 192 0.30 -5.38 -8.69
C ASP A 192 1.22 -6.43 -9.31
N PHE A 193 1.03 -7.69 -8.91
CA PHE A 193 1.84 -8.78 -9.44
C PHE A 193 1.55 -8.93 -10.92
N HIS A 194 0.32 -8.63 -11.30
CA HIS A 194 -0.12 -8.71 -12.69
C HIS A 194 -0.98 -7.48 -13.00
N GLY A 195 -0.90 -6.99 -14.25
CA GLY A 195 -1.64 -5.82 -14.64
C GLY A 195 -1.84 -5.69 -16.14
N SER A 196 -2.61 -4.68 -16.55
CA SER A 196 -2.92 -4.46 -17.96
C SER A 196 -1.71 -4.04 -18.78
N TRP A 197 -0.55 -3.98 -18.14
CA TRP A 197 0.66 -3.61 -18.84
C TRP A 197 1.22 -4.87 -19.48
N GLU A 198 0.46 -5.95 -19.38
CA GLU A 198 0.83 -7.25 -19.96
C GLU A 198 -0.20 -7.63 -21.04
N LYS A 199 0.15 -8.61 -21.87
CA LYS A 199 -0.72 -9.05 -22.96
C LYS A 199 -1.68 -10.17 -22.58
N VAL A 200 -1.64 -10.60 -21.33
CA VAL A 200 -2.49 -11.67 -20.82
C VAL A 200 -3.09 -11.37 -19.43
N THR A 201 -4.33 -11.80 -19.20
CA THR A 201 -4.99 -11.57 -17.91
C THR A 201 -4.32 -12.34 -16.77
N GLY A 202 -4.05 -11.62 -15.68
CA GLY A 202 -3.41 -12.21 -14.50
C GLY A 202 -3.98 -11.54 -13.27
N HIS A 203 -3.91 -12.19 -12.12
CA HIS A 203 -4.45 -11.56 -10.92
C HIS A 203 -3.53 -10.51 -10.26
N ASN A 204 -4.15 -9.42 -9.80
CA ASN A 204 -3.44 -8.34 -9.15
C ASN A 204 -2.75 -8.84 -7.85
N SER A 205 -3.46 -9.66 -7.09
CA SER A 205 -2.88 -10.13 -5.83
C SER A 205 -3.15 -11.62 -5.51
N PRO A 206 -2.54 -12.52 -6.27
CA PRO A 206 -2.75 -13.96 -6.03
C PRO A 206 -1.92 -14.40 -4.80
N LEU A 207 -2.55 -15.12 -3.88
CA LEU A 207 -1.86 -15.57 -2.69
C LEU A 207 -0.79 -16.60 -3.04
N TYR A 208 -1.14 -17.54 -3.92
CA TYR A 208 -0.22 -18.59 -4.36
C TYR A 208 -0.12 -18.56 -5.88
N LYS A 209 0.89 -19.24 -6.42
CA LYS A 209 1.08 -19.29 -7.86
C LYS A 209 0.16 -20.33 -8.51
N ARG A 210 0.09 -20.32 -9.85
CA ARG A 210 -0.72 -21.27 -10.59
C ARG A 210 0.19 -22.44 -10.92
N GLN A 211 -0.36 -23.65 -10.91
CA GLN A 211 0.41 -24.85 -11.21
C GLN A 211 1.26 -24.63 -12.46
N GLU A 212 0.66 -24.03 -13.48
CA GLU A 212 1.33 -23.77 -14.75
C GLU A 212 2.32 -22.61 -14.77
N GLN A 213 2.91 -22.29 -13.63
CA GLN A 213 3.89 -21.21 -13.57
C GLN A 213 5.26 -21.68 -13.07
N SER A 214 6.33 -21.21 -13.70
CA SER A 214 7.68 -21.61 -13.29
C SER A 214 8.72 -20.51 -13.44
N GLY A 215 9.76 -20.57 -12.60
CA GLY A 215 10.82 -19.58 -12.66
C GLY A 215 10.42 -18.26 -12.05
N ALA A 216 10.82 -17.17 -12.70
CA ALA A 216 10.51 -15.84 -12.21
C ALA A 216 9.00 -15.62 -12.19
N ALA A 217 8.28 -16.26 -13.11
CA ALA A 217 6.83 -16.12 -13.19
C ALA A 217 6.13 -16.76 -11.99
N ALA A 218 6.83 -17.66 -11.31
CA ALA A 218 6.27 -18.34 -10.15
C ALA A 218 6.45 -17.54 -8.87
N SER A 219 7.15 -16.42 -8.95
CA SER A 219 7.37 -15.59 -7.77
C SER A 219 6.34 -14.45 -7.69
N LEU A 220 5.55 -14.28 -8.75
CA LEU A 220 4.55 -13.23 -8.80
C LEU A 220 3.30 -13.54 -7.98
N ASN A 221 3.47 -13.77 -6.69
CA ASN A 221 2.36 -14.04 -5.80
C ASN A 221 2.78 -13.62 -4.40
N VAL A 222 1.80 -13.39 -3.53
CA VAL A 222 2.05 -12.94 -2.16
C VAL A 222 3.07 -13.78 -1.39
N ASP A 223 2.80 -15.08 -1.28
CA ASP A 223 3.67 -16.01 -0.57
C ASP A 223 5.15 -15.83 -0.96
N ALA A 224 5.43 -15.78 -2.25
CA ALA A 224 6.81 -15.60 -2.69
C ALA A 224 7.38 -14.29 -2.10
N ALA A 225 6.58 -13.22 -2.18
CA ALA A 225 6.96 -11.92 -1.67
C ALA A 225 7.26 -12.00 -0.19
N VAL A 226 6.37 -12.66 0.54
CA VAL A 226 6.54 -12.82 1.98
C VAL A 226 7.77 -13.67 2.33
N GLN A 227 7.82 -14.90 1.82
CA GLN A 227 8.94 -15.78 2.11
C GLN A 227 10.24 -15.05 1.83
N GLN A 228 10.23 -14.22 0.80
CA GLN A 228 11.41 -13.47 0.42
C GLN A 228 11.86 -12.48 1.47
N TRP A 229 10.95 -11.64 1.97
CA TRP A 229 11.33 -10.65 2.96
C TRP A 229 11.75 -11.29 4.29
N LEU A 230 11.14 -12.42 4.60
CA LEU A 230 11.48 -13.12 5.82
C LEU A 230 12.90 -13.66 5.68
N GLN A 231 13.12 -14.47 4.65
CA GLN A 231 14.42 -15.06 4.39
C GLN A 231 15.56 -14.05 4.40
N LYS A 232 15.35 -12.90 3.77
CA LYS A 232 16.37 -11.86 3.72
C LYS A 232 16.59 -11.16 5.07
N GLY A 233 15.84 -11.58 6.10
CA GLY A 233 16.06 -10.99 7.40
C GLY A 233 15.02 -10.11 8.06
N THR A 234 13.77 -10.22 7.65
CA THR A 234 12.74 -9.40 8.29
C THR A 234 12.04 -10.19 9.40
N PRO A 235 12.08 -9.66 10.63
CA PRO A 235 11.41 -10.38 11.72
C PRO A 235 9.95 -10.48 11.28
N ALA A 236 9.40 -11.69 11.29
CA ALA A 236 8.02 -11.89 10.85
C ALA A 236 7.02 -10.91 11.47
N SER A 237 7.31 -10.47 12.70
CA SER A 237 6.42 -9.57 13.43
C SER A 237 6.45 -8.12 12.95
N LYS A 238 7.46 -7.77 12.16
CA LYS A 238 7.57 -6.42 11.64
C LYS A 238 7.04 -6.38 10.24
N LEU A 239 6.86 -7.56 9.65
CA LEU A 239 6.36 -7.66 8.28
C LEU A 239 4.84 -7.61 8.28
N ILE A 240 4.30 -6.55 7.70
CA ILE A 240 2.85 -6.36 7.61
C ILE A 240 2.42 -6.72 6.17
N LEU A 241 1.49 -7.67 6.05
CA LEU A 241 1.03 -8.09 4.72
C LEU A 241 -0.01 -7.18 4.05
N GLY A 242 0.43 -6.52 2.98
CA GLY A 242 -0.44 -5.62 2.25
C GLY A 242 -1.48 -6.33 1.39
N MET A 243 -2.65 -5.71 1.29
CA MET A 243 -3.76 -6.25 0.50
C MET A 243 -4.45 -5.08 -0.18
N PRO A 244 -4.98 -5.29 -1.40
CA PRO A 244 -5.65 -4.22 -2.12
C PRO A 244 -7.18 -4.21 -2.08
N THR A 245 -7.75 -3.02 -1.98
CA THR A 245 -9.20 -2.91 -2.01
C THR A 245 -9.53 -2.46 -3.43
N TYR A 246 -8.60 -2.75 -4.32
CA TYR A 246 -8.74 -2.45 -5.74
C TYR A 246 -8.31 -3.70 -6.49
N GLY A 247 -8.74 -3.80 -7.74
CA GLY A 247 -8.39 -4.93 -8.57
C GLY A 247 -7.88 -4.40 -9.89
N ARG A 248 -7.31 -5.27 -10.72
CA ARG A 248 -6.80 -4.86 -12.02
C ARG A 248 -7.56 -5.47 -13.19
N SER A 249 -7.90 -4.62 -14.14
CA SER A 249 -8.70 -5.03 -15.28
C SER A 249 -7.96 -5.09 -16.62
N PHE A 250 -8.53 -5.85 -17.54
CA PHE A 250 -7.99 -6.01 -18.88
C PHE A 250 -9.18 -6.00 -19.82
N THR A 251 -8.93 -5.71 -21.10
CA THR A 251 -9.98 -5.79 -22.09
C THR A 251 -9.60 -7.07 -22.79
N LEU A 252 -10.54 -7.98 -22.89
CA LEU A 252 -10.28 -9.26 -23.53
C LEU A 252 -10.23 -9.14 -25.05
N ALA A 253 -9.24 -9.80 -25.65
CA ALA A 253 -9.08 -9.81 -27.10
C ALA A 253 -10.37 -10.37 -27.69
N SER A 254 -10.97 -11.31 -26.95
CA SER A 254 -12.22 -11.95 -27.33
C SER A 254 -12.94 -12.45 -26.07
N SER A 255 -14.24 -12.19 -25.99
CA SER A 255 -15.02 -12.60 -24.83
C SER A 255 -15.30 -14.10 -24.80
N SER A 256 -14.66 -14.83 -25.71
CA SER A 256 -14.84 -16.28 -25.77
C SER A 256 -13.78 -16.94 -24.90
N ASP A 257 -12.67 -16.23 -24.72
CA ASP A 257 -11.55 -16.71 -23.91
C ASP A 257 -11.47 -15.83 -22.65
N THR A 258 -12.16 -16.25 -21.59
CA THR A 258 -12.21 -15.49 -20.35
C THR A 258 -11.39 -16.04 -19.19
N ARG A 259 -10.60 -17.06 -19.43
CA ARG A 259 -9.81 -17.66 -18.37
C ARG A 259 -8.66 -16.77 -17.93
N VAL A 260 -8.04 -17.13 -16.80
CA VAL A 260 -6.90 -16.36 -16.33
C VAL A 260 -5.73 -16.76 -17.21
N GLY A 261 -5.12 -15.79 -17.88
CA GLY A 261 -4.03 -16.10 -18.76
C GLY A 261 -4.47 -15.92 -20.20
N ALA A 262 -5.72 -15.49 -20.38
CA ALA A 262 -6.26 -15.27 -21.72
C ALA A 262 -5.66 -14.01 -22.36
N PRO A 263 -5.83 -13.87 -23.70
CA PRO A 263 -5.32 -12.71 -24.44
C PRO A 263 -6.06 -11.42 -24.11
N ALA A 264 -5.29 -10.42 -23.71
CA ALA A 264 -5.83 -9.12 -23.36
C ALA A 264 -5.28 -8.08 -24.36
N THR A 265 -6.16 -7.23 -24.88
CA THR A 265 -5.73 -6.22 -25.84
C THR A 265 -5.30 -4.96 -25.11
N GLY A 266 -5.30 -5.01 -23.78
CA GLY A 266 -4.90 -3.88 -22.99
C GLY A 266 -5.77 -3.69 -21.76
N SER A 267 -5.60 -2.55 -21.09
CA SER A 267 -6.34 -2.21 -19.88
C SER A 267 -7.86 -2.31 -20.02
N GLY A 268 -8.54 -2.50 -18.89
CA GLY A 268 -9.98 -2.59 -18.93
C GLY A 268 -10.60 -1.21 -18.88
N THR A 269 -11.85 -1.08 -19.31
CA THR A 269 -12.51 0.22 -19.28
C THR A 269 -12.30 0.90 -17.92
N PRO A 270 -11.99 2.20 -17.93
CA PRO A 270 -11.78 2.92 -16.66
C PRO A 270 -13.03 2.82 -15.81
N GLY A 271 -12.87 2.87 -14.48
CA GLY A 271 -14.02 2.81 -13.60
C GLY A 271 -14.71 4.15 -13.64
N PRO A 272 -16.04 4.21 -13.55
CA PRO A 272 -16.79 5.49 -13.59
C PRO A 272 -16.40 6.50 -12.51
N PHE A 273 -15.86 6.00 -11.40
CA PHE A 273 -15.43 6.85 -10.31
C PHE A 273 -13.92 6.96 -10.25
N THR A 274 -13.21 5.84 -10.42
CA THR A 274 -11.74 5.88 -10.37
C THR A 274 -11.14 6.43 -11.64
N LYS A 275 -11.85 6.21 -12.75
CA LYS A 275 -11.43 6.69 -14.05
C LYS A 275 -9.93 6.54 -14.36
N GLU A 276 -9.42 5.33 -14.16
CA GLU A 276 -8.03 5.03 -14.44
C GLU A 276 -8.05 3.59 -14.95
N GLY A 277 -8.21 3.44 -16.25
CA GLY A 277 -8.24 2.12 -16.86
C GLY A 277 -7.12 1.20 -16.38
N GLY A 278 -7.46 -0.06 -16.17
CA GLY A 278 -6.47 -1.01 -15.71
C GLY A 278 -6.59 -1.32 -14.24
N MET A 279 -7.34 -0.48 -13.52
CA MET A 279 -7.56 -0.67 -12.10
C MET A 279 -9.00 -0.28 -11.85
N LEU A 280 -9.53 -0.77 -10.72
CA LEU A 280 -10.89 -0.51 -10.29
C LEU A 280 -11.03 -0.64 -8.78
N ALA A 281 -11.86 0.22 -8.21
CA ALA A 281 -12.12 0.18 -6.77
C ALA A 281 -12.99 -1.04 -6.51
N TYR A 282 -12.92 -1.56 -5.29
CA TYR A 282 -13.73 -2.73 -4.93
C TYR A 282 -15.20 -2.39 -5.16
N TYR A 283 -15.57 -1.16 -4.81
CA TYR A 283 -16.96 -0.73 -4.96
C TYR A 283 -17.41 -0.56 -6.40
N GLU A 284 -16.47 -0.65 -7.33
CA GLU A 284 -16.82 -0.54 -8.76
C GLU A 284 -17.05 -1.96 -9.28
N VAL A 285 -16.34 -2.91 -8.71
CA VAL A 285 -16.49 -4.30 -9.07
C VAL A 285 -17.81 -4.83 -8.52
N CYS A 286 -18.38 -4.13 -7.54
CA CYS A 286 -19.67 -4.51 -6.92
C CYS A 286 -20.86 -4.21 -7.80
N SER A 287 -20.81 -3.07 -8.48
CA SER A 287 -21.88 -2.63 -9.36
C SER A 287 -21.84 -3.41 -10.68
N TRP A 288 -21.70 -4.72 -10.59
CA TRP A 288 -21.62 -5.56 -11.78
C TRP A 288 -22.64 -6.69 -11.86
N LYS A 289 -23.84 -6.38 -12.32
CA LYS A 289 -24.83 -7.43 -12.46
C LYS A 289 -24.70 -7.92 -13.90
N GLY A 290 -24.84 -9.23 -14.09
CA GLY A 290 -24.71 -9.77 -15.43
C GLY A 290 -23.27 -10.10 -15.73
N ALA A 291 -22.47 -10.22 -14.68
CA ALA A 291 -21.06 -10.56 -14.81
C ALA A 291 -20.90 -11.98 -14.31
N THR A 292 -19.70 -12.52 -14.38
CA THR A 292 -19.49 -13.88 -13.92
C THR A 292 -18.28 -13.96 -13.01
N LYS A 293 -18.52 -14.29 -11.75
CA LYS A 293 -17.45 -14.40 -10.77
C LYS A 293 -16.90 -15.82 -10.75
N GLN A 294 -15.58 -15.93 -10.81
CA GLN A 294 -14.89 -17.22 -10.81
C GLN A 294 -14.15 -17.38 -9.50
N ARG A 295 -13.00 -18.03 -9.57
CA ARG A 295 -12.17 -18.28 -8.40
C ARG A 295 -10.94 -19.03 -8.85
N ILE A 296 -9.79 -18.37 -8.85
CA ILE A 296 -8.56 -19.02 -9.26
C ILE A 296 -8.13 -19.95 -8.13
N GLN A 297 -8.70 -21.16 -8.13
CA GLN A 297 -8.45 -22.18 -7.12
C GLN A 297 -7.02 -22.24 -6.57
N ASP A 298 -6.04 -22.20 -7.45
CA ASP A 298 -4.64 -22.28 -7.01
C ASP A 298 -4.19 -21.04 -6.26
N GLN A 299 -4.73 -19.87 -6.62
CA GLN A 299 -4.32 -18.62 -6.00
C GLN A 299 -5.26 -18.06 -4.93
N LYS A 300 -6.36 -18.78 -4.68
CA LYS A 300 -7.34 -18.39 -3.66
C LYS A 300 -7.91 -16.95 -3.72
N VAL A 301 -8.09 -16.44 -4.94
CA VAL A 301 -8.63 -15.08 -5.14
C VAL A 301 -9.60 -15.12 -6.31
N PRO A 302 -10.57 -14.17 -6.35
CA PRO A 302 -11.53 -14.18 -7.46
C PRO A 302 -11.17 -13.30 -8.65
N TYR A 303 -12.13 -13.22 -9.56
CA TYR A 303 -12.02 -12.38 -10.76
C TYR A 303 -13.36 -12.47 -11.45
N ILE A 304 -13.75 -11.42 -12.13
CA ILE A 304 -15.02 -11.47 -12.84
C ILE A 304 -14.90 -10.92 -14.24
N PHE A 305 -15.84 -11.30 -15.10
CA PHE A 305 -15.85 -10.84 -16.47
C PHE A 305 -17.26 -10.60 -16.97
N ARG A 306 -17.35 -9.81 -18.03
CA ARG A 306 -18.61 -9.49 -18.69
C ARG A 306 -18.19 -8.94 -20.04
N ASP A 307 -18.49 -9.70 -21.10
CA ASP A 307 -18.11 -9.33 -22.45
C ASP A 307 -16.59 -9.30 -22.51
N ASN A 308 -16.03 -8.20 -23.01
CA ASN A 308 -14.58 -8.08 -23.13
C ASN A 308 -13.90 -7.44 -21.93
N GLN A 309 -14.53 -7.52 -20.76
CA GLN A 309 -13.98 -6.94 -19.53
C GLN A 309 -13.62 -8.00 -18.50
N TRP A 310 -12.36 -8.05 -18.12
CA TRP A 310 -11.89 -9.02 -17.15
C TRP A 310 -11.18 -8.28 -16.00
N VAL A 311 -11.51 -8.62 -14.76
CA VAL A 311 -10.90 -7.96 -13.61
C VAL A 311 -10.58 -8.89 -12.44
N GLY A 312 -9.29 -9.00 -12.12
CA GLY A 312 -8.87 -9.81 -11.00
C GLY A 312 -8.91 -8.90 -9.77
N PHE A 313 -9.58 -9.34 -8.72
CA PHE A 313 -9.68 -8.53 -7.50
C PHE A 313 -9.70 -9.36 -6.21
N ASP A 314 -9.89 -8.65 -5.08
CA ASP A 314 -9.98 -9.29 -3.76
C ASP A 314 -11.39 -9.05 -3.18
N ASP A 315 -11.88 -10.03 -2.44
CA ASP A 315 -13.20 -9.91 -1.82
C ASP A 315 -13.11 -10.26 -0.34
N VAL A 316 -14.26 -10.33 0.32
CA VAL A 316 -14.28 -10.66 1.75
C VAL A 316 -13.67 -12.03 2.00
N GLU A 317 -13.87 -12.94 1.05
CA GLU A 317 -13.33 -14.28 1.22
C GLU A 317 -11.81 -14.27 1.12
N SER A 318 -11.26 -13.86 -0.02
CA SER A 318 -9.80 -13.86 -0.16
C SER A 318 -9.12 -13.07 0.98
N PHE A 319 -9.78 -12.03 1.47
CA PHE A 319 -9.22 -11.26 2.57
C PHE A 319 -9.12 -12.14 3.81
N LYS A 320 -10.14 -12.98 4.04
CA LYS A 320 -10.11 -13.90 5.19
C LYS A 320 -9.01 -14.94 5.04
N THR A 321 -8.84 -15.40 3.81
CA THR A 321 -7.82 -16.41 3.49
C THR A 321 -6.45 -15.83 3.82
N LYS A 322 -6.23 -14.62 3.31
CA LYS A 322 -4.98 -13.90 3.50
C LYS A 322 -4.72 -13.57 4.96
N VAL A 323 -5.74 -13.12 5.68
CA VAL A 323 -5.57 -12.81 7.09
C VAL A 323 -5.16 -14.08 7.82
N SER A 324 -5.73 -15.19 7.38
CA SER A 324 -5.44 -16.49 7.95
C SER A 324 -4.04 -16.97 7.56
N TYR A 325 -3.62 -16.66 6.33
CA TYR A 325 -2.29 -17.05 5.88
C TYR A 325 -1.19 -16.36 6.66
N LEU A 326 -1.34 -15.06 6.87
CA LEU A 326 -0.33 -14.28 7.59
C LEU A 326 -0.24 -14.76 9.04
N LYS A 327 -1.37 -15.10 9.64
CA LYS A 327 -1.40 -15.58 11.01
C LYS A 327 -0.47 -16.80 11.15
N GLN A 328 -0.64 -17.76 10.24
CA GLN A 328 0.20 -18.96 10.23
C GLN A 328 1.68 -18.56 10.13
N LYS A 329 1.98 -17.54 9.34
CA LYS A 329 3.35 -17.05 9.17
C LYS A 329 3.88 -16.25 10.34
N GLY A 330 2.99 -15.92 11.28
CA GLY A 330 3.38 -15.14 12.44
C GLY A 330 3.75 -13.71 12.09
N LEU A 331 3.09 -13.17 11.07
CA LEU A 331 3.35 -11.80 10.63
C LEU A 331 2.79 -10.77 11.59
N GLY A 332 3.33 -9.56 11.53
CA GLY A 332 2.88 -8.49 12.41
C GLY A 332 1.45 -8.01 12.17
N GLY A 333 0.90 -8.33 11.01
CA GLY A 333 -0.46 -7.90 10.74
C GLY A 333 -0.77 -7.66 9.28
N ALA A 334 -1.80 -6.87 9.03
CA ALA A 334 -2.18 -6.58 7.66
C ALA A 334 -2.06 -5.11 7.31
N MET A 335 -1.85 -4.86 6.02
CA MET A 335 -1.74 -3.50 5.51
C MET A 335 -2.73 -3.43 4.36
N VAL A 336 -3.43 -2.30 4.23
CA VAL A 336 -4.39 -2.18 3.17
C VAL A 336 -4.33 -0.86 2.43
N TRP A 337 -4.40 -0.98 1.11
CA TRP A 337 -4.37 0.16 0.22
C TRP A 337 -5.64 0.04 -0.61
N ALA A 338 -6.61 0.93 -0.42
CA ALA A 338 -6.57 2.02 0.56
C ALA A 338 -7.99 2.14 1.13
N LEU A 339 -8.11 2.71 2.33
CA LEU A 339 -9.42 2.88 3.00
C LEU A 339 -10.43 3.31 1.95
N ASP A 340 -9.87 4.22 1.19
CA ASP A 340 -10.33 4.94 0.02
C ASP A 340 -11.16 4.17 -1.04
N LEU A 341 -10.67 2.98 -1.40
CA LEU A 341 -11.26 2.14 -2.44
C LEU A 341 -12.23 1.05 -1.99
N ASP A 342 -12.32 0.85 -0.68
CA ASP A 342 -13.23 -0.12 -0.12
C ASP A 342 -14.59 0.58 -0.25
N ASP A 343 -15.68 -0.10 0.06
CA ASP A 343 -16.99 0.53 0.00
C ASP A 343 -17.14 1.23 1.35
N PHE A 344 -16.29 2.23 1.58
CA PHE A 344 -16.24 2.96 2.86
C PHE A 344 -17.54 3.50 3.46
N ALA A 345 -18.60 3.58 2.66
CA ALA A 345 -19.88 4.09 3.16
C ALA A 345 -21.04 3.13 2.85
N GLY A 346 -20.71 1.90 2.49
CA GLY A 346 -21.73 0.91 2.16
C GLY A 346 -22.73 1.43 1.15
N PHE A 347 -22.23 2.07 0.08
CA PHE A 347 -23.08 2.66 -0.96
C PHE A 347 -23.12 1.88 -2.27
N SER A 348 -22.54 0.70 -2.29
CA SER A 348 -22.52 -0.03 -3.53
C SER A 348 -22.53 -1.54 -3.41
N CYS A 349 -21.79 -2.06 -2.45
CA CYS A 349 -21.69 -3.48 -2.30
C CYS A 349 -22.75 -4.20 -1.47
N ASN A 350 -23.57 -3.43 -0.74
CA ASN A 350 -24.60 -4.02 0.09
C ASN A 350 -24.00 -5.04 1.06
N GLN A 351 -22.97 -4.61 1.78
CA GLN A 351 -22.29 -5.46 2.75
C GLN A 351 -21.88 -4.54 3.89
N GLY A 352 -22.53 -3.38 3.94
CA GLY A 352 -22.23 -2.41 4.96
C GLY A 352 -21.10 -1.45 4.61
N ARG A 353 -20.58 -0.83 5.67
CA ARG A 353 -19.51 0.15 5.60
C ARG A 353 -18.16 -0.55 5.75
N TYR A 354 -17.24 -0.28 4.81
CA TYR A 354 -15.90 -0.88 4.83
C TYR A 354 -15.98 -2.40 4.88
N PRO A 355 -16.71 -3.02 3.95
CA PRO A 355 -16.83 -4.48 3.95
C PRO A 355 -15.51 -5.25 4.04
N LEU A 356 -14.53 -4.88 3.23
CA LEU A 356 -13.25 -5.57 3.21
C LEU A 356 -12.38 -5.36 4.45
N ILE A 357 -12.07 -4.11 4.75
CA ILE A 357 -11.21 -3.77 5.87
C ILE A 357 -11.86 -4.16 7.20
N GLN A 358 -13.19 -4.15 7.25
CA GLN A 358 -13.93 -4.53 8.46
C GLN A 358 -13.69 -6.02 8.66
N THR A 359 -13.56 -6.71 7.53
CA THR A 359 -13.29 -8.14 7.51
C THR A 359 -11.91 -8.32 8.14
N LEU A 360 -10.95 -7.52 7.68
CA LEU A 360 -9.58 -7.56 8.21
C LEU A 360 -9.52 -7.33 9.72
N ARG A 361 -10.17 -6.27 10.18
CA ARG A 361 -10.19 -5.92 11.60
C ARG A 361 -10.75 -7.05 12.45
N GLN A 362 -11.89 -7.58 12.05
CA GLN A 362 -12.56 -8.67 12.75
C GLN A 362 -11.75 -9.95 12.73
N GLU A 363 -11.17 -10.28 11.58
CA GLU A 363 -10.35 -11.48 11.45
C GLU A 363 -9.06 -11.37 12.26
N LEU A 364 -8.47 -10.18 12.28
CA LEU A 364 -7.23 -9.92 12.99
C LEU A 364 -7.40 -9.86 14.50
N SER A 365 -8.52 -9.29 14.93
CA SER A 365 -8.81 -9.18 16.35
C SER A 365 -9.54 -10.45 16.83
C1 NAA B . -1.08 4.48 -6.65
C2 NAA B . -2.52 4.69 -7.16
C3 NAA B . -2.58 5.82 -8.20
C4 NAA B . -1.87 7.10 -7.66
C5 NAA B . -0.45 6.72 -7.26
C6 NAA B . 0.29 7.96 -6.74
C7 NAA B . -3.92 2.68 -7.12
C8 NAA B . -4.36 1.37 -7.76
N2 NAA B . -3.00 3.44 -7.74
O3 NAA B . -1.96 5.39 -9.41
O4 NAA B . -1.81 8.15 -8.63
O5 NAA B . -0.51 5.72 -6.18
O6 NAA B . 1.61 7.60 -6.35
O7 NAA B . -4.40 3.02 -6.04
C1 NAA B . -3.07 8.80 -8.78
C2 NAA B . -2.76 10.25 -9.23
C3 NAA B . -4.04 10.98 -9.63
C4 NAA B . -4.85 10.13 -10.63
C5 NAA B . -5.13 8.75 -10.02
C6 NAA B . -5.96 7.90 -10.99
C7 NAA B . -0.77 11.07 -8.02
C8 NAA B . -0.28 11.83 -6.78
N2 NAA B . -2.11 10.95 -8.11
O3 NAA B . -4.81 11.24 -8.48
O4 NAA B . -6.09 10.78 -10.94
O5 NAA B . -3.86 8.10 -9.77
O6 NAA B . -6.36 6.69 -10.36
O7 NAA B . 0.01 10.63 -8.85
C1 ALI C . 1.34 1.43 -3.71
C2 ALI C . 2.10 2.77 -3.83
C3 ALI C . 1.10 3.77 -4.40
C4 ALI C . 0.15 2.95 -5.27
C5 ALI C . 0.00 1.73 -4.37
C6 ALI C . -0.61 0.52 -5.09
C7 ALI C . 1.89 2.18 -1.65
C8 ALI C . 1.49 1.30 0.45
N2 ALI C . 2.44 3.06 -2.45
N7 ALI C . 2.06 2.21 -0.33
O3 ALI C . 1.78 4.73 -5.20
O4 ALI C . -1.13 3.54 -5.58
O6 ALI C . 0.23 0.12 -6.16
O7 ALI C . 1.15 1.22 -2.28
#